data_3URZ
#
_entry.id   3URZ
#
_cell.length_a   30.703
_cell.length_b   41.597
_cell.length_c   236.878
_cell.angle_alpha   90.000
_cell.angle_beta   92.520
_cell.angle_gamma   90.000
#
_symmetry.space_group_name_H-M   'P 1 21 1'
#
loop_
_entity.id
_entity.type
_entity.pdbx_description
1 polymer 'Uncharacterized protein'
2 non-polymer 'ZINC ION'
3 non-polymer 'TETRAETHYLENE GLYCOL'
4 non-polymer 1,2-ETHANEDIOL
5 water water
#
_entity_poly.entity_id   1
_entity_poly.type   'polypeptide(L)'
_entity_poly.pdbx_seq_one_letter_code
;GQSVDE(MSE)LQKVSAAIEAGQNGQAVSYFRQTIALNIDRTE(MSE)YYWTNVDKNSEISSKLATELALAYKKNRNYDK
AYLFYKELLQKAPNNVD(CSX)LEACAE(MSE)QVCRGQEKDALR(MSE)YEKILQLEADNLAANIFLGNYYYLTAEQEK
KKLETDYKKLSSPTK(MSE)QYARYRDGLSKLFTTRYEKARNSLQKVILRFPSTEAQKTLDKILRIEKEVNR
;
_entity_poly.pdbx_strand_id   A,B
#
loop_
_chem_comp.id
_chem_comp.type
_chem_comp.name
_chem_comp.formula
EDO non-polymer 1,2-ETHANEDIOL 'C2 H6 O2'
PG4 non-polymer 'TETRAETHYLENE GLYCOL' 'C8 H18 O5'
ZN non-polymer 'ZINC ION' 'Zn 2'
#
# COMPACT_ATOMS: atom_id res chain seq x y z
N SER A 3 33.52 -45.43 -51.03
CA SER A 3 32.80 -45.80 -49.77
C SER A 3 33.34 -45.01 -48.59
N VAL A 4 32.49 -44.82 -47.58
CA VAL A 4 32.87 -44.09 -46.35
C VAL A 4 33.86 -44.88 -45.48
N ASP A 5 33.73 -46.21 -45.43
CA ASP A 5 34.63 -47.07 -44.63
C ASP A 5 36.10 -47.02 -45.09
N GLU A 6 36.32 -46.78 -46.39
CA GLU A 6 37.67 -46.64 -46.98
C GLU A 6 38.23 -45.26 -46.65
N MSE A 7 37.37 -44.23 -46.76
CA MSE A 7 37.71 -42.84 -46.42
C MSE A 7 38.20 -42.72 -44.97
O MSE A 7 39.18 -42.02 -44.71
CB MSE A 7 36.49 -41.94 -46.61
CG MSE A 7 36.05 -41.70 -48.04
SE MSE A 7 36.99 -40.20 -48.83
CE MSE A 7 36.23 -38.83 -47.75
N LEU A 8 37.52 -43.42 -44.05
CA LEU A 8 37.88 -43.43 -42.62
C LEU A 8 39.26 -44.04 -42.30
N GLN A 9 39.72 -45.00 -43.13
CA GLN A 9 41.07 -45.57 -42.96
C GLN A 9 42.13 -44.51 -43.27
N LYS A 10 41.87 -43.66 -44.28
CA LYS A 10 42.79 -42.57 -44.65
C LYS A 10 42.91 -41.59 -43.50
N VAL A 11 41.77 -41.29 -42.84
CA VAL A 11 41.74 -40.42 -41.65
C VAL A 11 42.62 -41.06 -40.57
N SER A 12 42.42 -42.36 -40.29
CA SER A 12 43.23 -43.11 -39.31
C SER A 12 44.72 -43.12 -39.66
N ALA A 13 45.05 -43.28 -40.95
CA ALA A 13 46.44 -43.27 -41.42
C ALA A 13 47.08 -41.88 -41.29
N ALA A 14 46.35 -40.85 -41.70
CA ALA A 14 46.84 -39.46 -41.61
C ALA A 14 47.12 -39.01 -40.16
N ILE A 15 46.30 -39.49 -39.21
CA ILE A 15 46.46 -39.20 -37.77
C ILE A 15 47.77 -39.82 -37.23
N GLU A 16 48.02 -41.08 -37.58
CA GLU A 16 49.23 -41.80 -37.14
C GLU A 16 50.53 -41.31 -37.83
N ALA A 17 50.40 -40.72 -39.02
CA ALA A 17 51.54 -40.17 -39.76
C ALA A 17 51.88 -38.72 -39.34
N GLY A 18 51.11 -38.13 -38.41
CA GLY A 18 51.31 -36.76 -37.94
C GLY A 18 50.78 -35.67 -38.86
N GLN A 19 50.04 -36.06 -39.91
CA GLN A 19 49.48 -35.14 -40.89
C GLN A 19 48.02 -34.88 -40.53
N ASN A 20 47.83 -34.15 -39.42
CA ASN A 20 46.50 -33.78 -38.92
C ASN A 20 45.67 -32.97 -39.90
N GLY A 21 46.33 -32.12 -40.69
CA GLY A 21 45.70 -31.28 -41.71
C GLY A 21 44.85 -32.06 -42.69
N GLN A 22 45.45 -33.06 -43.34
CA GLN A 22 44.72 -33.91 -44.29
C GLN A 22 43.75 -34.90 -43.60
N ALA A 23 44.01 -35.22 -42.32
CA ALA A 23 43.11 -36.09 -41.52
C ALA A 23 41.75 -35.41 -41.36
N VAL A 24 41.77 -34.11 -41.02
CA VAL A 24 40.54 -33.31 -40.86
C VAL A 24 39.85 -33.09 -42.22
N SER A 25 40.64 -32.97 -43.30
CA SER A 25 40.11 -32.77 -44.66
C SER A 25 39.32 -33.98 -45.16
N TYR A 26 39.85 -35.18 -44.95
CA TYR A 26 39.15 -36.43 -45.31
C TYR A 26 37.95 -36.67 -44.38
N PHE A 27 38.06 -36.24 -43.11
CA PHE A 27 36.97 -36.38 -42.13
C PHE A 27 35.78 -35.51 -42.58
N ARG A 28 36.03 -34.27 -43.03
CA ARG A 28 34.96 -33.39 -43.56
C ARG A 28 34.24 -33.98 -44.78
N GLN A 29 35.00 -34.66 -45.65
CA GLN A 29 34.42 -35.31 -46.84
C GLN A 29 33.54 -36.53 -46.45
N THR A 30 33.91 -37.27 -45.40
CA THR A 30 33.10 -38.43 -44.91
C THR A 30 31.75 -37.99 -44.31
N ILE A 31 31.72 -36.80 -43.71
CA ILE A 31 30.48 -36.21 -43.15
C ILE A 31 29.47 -35.95 -44.28
N ALA A 32 29.98 -35.47 -45.43
CA ALA A 32 29.15 -35.21 -46.61
C ALA A 32 28.56 -36.51 -47.16
N LEU A 33 29.40 -37.55 -47.26
CA LEU A 33 28.97 -38.87 -47.74
C LEU A 33 28.03 -39.59 -46.77
N ASN A 34 28.43 -39.69 -45.50
CA ASN A 34 27.63 -40.37 -44.46
C ASN A 34 28.00 -39.87 -43.06
N ILE A 35 27.16 -38.99 -42.52
CA ILE A 35 27.35 -38.41 -41.18
C ILE A 35 27.11 -39.42 -40.04
N ASP A 36 26.18 -40.36 -40.22
CA ASP A 36 25.88 -41.39 -39.20
C ASP A 36 27.07 -42.34 -38.95
N ARG A 37 27.70 -42.81 -40.03
CA ARG A 37 28.87 -43.71 -39.95
C ARG A 37 30.12 -42.98 -39.44
N THR A 38 30.29 -41.71 -39.83
CA THR A 38 31.40 -40.85 -39.37
C THR A 38 31.31 -40.61 -37.86
N GLU A 39 30.08 -40.37 -37.37
CA GLU A 39 29.80 -40.17 -35.95
C GLU A 39 30.25 -41.41 -35.15
N MSE A 40 29.89 -42.58 -35.67
CA MSE A 40 30.23 -43.87 -35.05
C MSE A 40 31.76 -44.06 -34.96
O MSE A 40 32.25 -44.53 -33.94
CB MSE A 40 29.57 -45.01 -35.82
CG MSE A 40 29.63 -46.35 -35.15
SE MSE A 40 28.45 -47.59 -36.07
CE MSE A 40 26.71 -46.77 -35.67
N TYR A 41 32.47 -43.68 -36.03
CA TYR A 41 33.96 -43.72 -36.07
C TYR A 41 34.58 -42.86 -34.96
N TYR A 42 34.02 -41.67 -34.72
CA TYR A 42 34.51 -40.78 -33.65
C TYR A 42 34.41 -41.45 -32.27
N TRP A 43 33.26 -42.03 -31.96
CA TRP A 43 33.03 -42.69 -30.67
C TRP A 43 33.82 -43.95 -30.46
N THR A 44 33.94 -44.78 -31.50
CA THR A 44 34.64 -46.07 -31.41
C THR A 44 36.17 -46.02 -31.57
N ASN A 45 36.66 -45.34 -32.62
CA ASN A 45 38.10 -45.30 -32.96
C ASN A 45 38.97 -44.10 -32.54
N VAL A 46 38.40 -42.89 -32.45
CA VAL A 46 39.19 -41.69 -32.11
C VAL A 46 39.64 -41.63 -30.64
N ASP A 47 40.90 -41.27 -30.42
CA ASP A 47 41.49 -41.11 -29.08
C ASP A 47 40.99 -39.74 -28.60
N LYS A 48 40.17 -39.74 -27.55
CA LYS A 48 39.58 -38.49 -27.00
C LYS A 48 40.60 -37.58 -26.28
N ASN A 49 41.75 -38.12 -25.87
CA ASN A 49 42.83 -37.37 -25.21
C ASN A 49 43.82 -36.63 -26.16
N SER A 50 43.62 -36.75 -27.48
CA SER A 50 44.50 -36.10 -28.47
C SER A 50 43.97 -34.72 -28.86
N GLU A 51 44.85 -33.92 -29.47
CA GLU A 51 44.48 -32.57 -29.96
C GLU A 51 43.51 -32.65 -31.15
N ILE A 52 43.73 -33.65 -32.02
CA ILE A 52 42.88 -33.88 -33.21
C ILE A 52 41.42 -34.18 -32.84
N SER A 53 41.19 -34.82 -31.69
CA SER A 53 39.83 -35.13 -31.17
C SER A 53 38.87 -33.94 -31.22
N SER A 54 39.34 -32.79 -30.72
CA SER A 54 38.56 -31.55 -30.70
C SER A 54 38.23 -31.02 -32.10
N LYS A 55 39.16 -31.20 -33.04
CA LYS A 55 38.94 -30.78 -34.44
C LYS A 55 37.83 -31.61 -35.05
N LEU A 56 37.89 -32.95 -34.87
CA LEU A 56 36.89 -33.87 -35.41
C LEU A 56 35.49 -33.66 -34.78
N ALA A 57 35.44 -33.40 -33.48
CA ALA A 57 34.17 -33.13 -32.76
C ALA A 57 33.49 -31.84 -33.24
N THR A 58 34.29 -30.80 -33.51
CA THR A 58 33.80 -29.51 -34.00
C THR A 58 33.14 -29.64 -35.39
N GLU A 59 33.72 -30.47 -36.26
CA GLU A 59 33.17 -30.69 -37.61
C GLU A 59 31.79 -31.37 -37.57
N LEU A 60 31.63 -32.35 -36.67
CA LEU A 60 30.33 -33.03 -36.49
C LEU A 60 29.29 -32.05 -35.90
N ALA A 61 29.69 -31.22 -34.93
CA ALA A 61 28.81 -30.22 -34.30
C ALA A 61 28.28 -29.22 -35.34
N LEU A 62 29.19 -28.69 -36.17
CA LEU A 62 28.83 -27.76 -37.25
C LEU A 62 27.91 -28.41 -38.30
N ALA A 63 28.20 -29.68 -38.63
CA ALA A 63 27.41 -30.44 -39.61
C ALA A 63 25.97 -30.67 -39.15
N TYR A 64 25.77 -31.11 -37.91
CA TYR A 64 24.39 -31.29 -37.37
C TYR A 64 23.62 -29.96 -37.20
N LYS A 65 24.33 -28.88 -36.86
CA LYS A 65 23.75 -27.53 -36.73
C LYS A 65 23.18 -27.05 -38.07
N LYS A 66 23.89 -27.32 -39.17
CA LYS A 66 23.41 -26.96 -40.52
C LYS A 66 22.26 -27.87 -40.97
N ASN A 67 22.24 -29.13 -40.51
CA ASN A 67 21.15 -30.09 -40.84
C ASN A 67 19.87 -29.94 -39.99
N ARG A 68 19.86 -28.99 -39.05
CA ARG A 68 18.72 -28.72 -38.14
C ARG A 68 18.45 -29.84 -37.11
N ASN A 69 19.45 -30.69 -36.85
CA ASN A 69 19.36 -31.77 -35.87
C ASN A 69 20.02 -31.18 -34.63
N TYR A 70 19.24 -30.40 -33.89
CA TYR A 70 19.73 -29.70 -32.70
C TYR A 70 20.10 -30.60 -31.50
N ASP A 71 19.54 -31.82 -31.45
CA ASP A 71 19.87 -32.80 -30.38
C ASP A 71 21.33 -33.27 -30.54
N LYS A 72 21.69 -33.68 -31.77
CA LYS A 72 23.07 -34.14 -32.06
C LYS A 72 24.09 -33.00 -31.98
N ALA A 73 23.72 -31.79 -32.43
CA ALA A 73 24.60 -30.60 -32.37
C ALA A 73 25.00 -30.28 -30.94
N TYR A 74 24.03 -30.38 -30.03
CA TYR A 74 24.26 -30.16 -28.59
C TYR A 74 25.19 -31.20 -28.00
N LEU A 75 24.99 -32.48 -28.37
CA LEU A 75 25.82 -33.61 -27.88
C LEU A 75 27.31 -33.38 -28.14
N PHE A 76 27.63 -32.94 -29.36
CA PHE A 76 29.01 -32.65 -29.74
C PHE A 76 29.56 -31.37 -29.18
N TYR A 77 28.76 -30.30 -29.11
CA TYR A 77 29.23 -29.06 -28.46
C TYR A 77 29.47 -29.33 -26.96
N LYS A 78 28.65 -30.20 -26.36
CA LYS A 78 28.80 -30.63 -24.96
C LYS A 78 30.08 -31.46 -24.79
N GLU A 79 30.42 -32.30 -25.78
CA GLU A 79 31.66 -33.11 -25.79
C GLU A 79 32.91 -32.21 -25.83
N LEU A 80 32.82 -31.08 -26.54
CA LEU A 80 33.88 -30.06 -26.59
C LEU A 80 33.97 -29.31 -25.26
N LEU A 81 32.80 -28.97 -24.69
CA LEU A 81 32.70 -28.25 -23.42
C LEU A 81 33.30 -28.99 -22.21
N GLN A 82 33.33 -30.33 -22.24
CA GLN A 82 33.95 -31.14 -21.17
C GLN A 82 35.47 -30.93 -21.08
N LYS A 83 36.12 -30.73 -22.24
CA LYS A 83 37.57 -30.49 -22.30
C LYS A 83 37.99 -29.10 -21.78
N ALA A 84 37.09 -28.11 -21.86
CA ALA A 84 37.35 -26.74 -21.38
C ALA A 84 36.04 -26.08 -20.87
N PRO A 85 35.55 -26.47 -19.67
CA PRO A 85 34.29 -25.96 -19.07
C PRO A 85 34.09 -24.44 -18.95
N ASN A 86 35.17 -23.68 -18.71
CA ASN A 86 35.12 -22.21 -18.57
C ASN A 86 35.39 -21.40 -19.86
N ASN A 87 35.48 -22.08 -21.01
CA ASN A 87 35.73 -21.42 -22.29
C ASN A 87 34.42 -20.82 -22.80
N VAL A 88 34.34 -19.47 -22.80
CA VAL A 88 33.14 -18.73 -23.23
C VAL A 88 32.62 -19.11 -24.63
N ASP A 89 33.53 -19.39 -25.57
CA ASP A 89 33.17 -19.78 -26.94
C ASP A 89 32.53 -21.18 -26.98
N CSX A 90 32.99 -22.08 -26.13
CA CSX A 90 32.42 -23.44 -26.01
CB CSX A 90 33.37 -24.39 -25.27
SG CSX A 90 34.88 -24.47 -26.08
C CSX A 90 31.06 -23.35 -25.34
O CSX A 90 30.12 -24.04 -25.75
OD CSX A 90 34.67 -25.15 -27.39
N LEU A 91 30.92 -22.52 -24.30
CA LEU A 91 29.63 -22.32 -23.62
C LEU A 91 28.61 -21.71 -24.61
N GLU A 92 29.03 -20.68 -25.36
CA GLU A 92 28.20 -19.99 -26.38
C GLU A 92 27.55 -20.95 -27.37
N ALA A 93 28.37 -21.88 -27.89
CA ALA A 93 27.93 -22.87 -28.88
C ALA A 93 26.84 -23.80 -28.33
N CYS A 94 27.01 -24.28 -27.10
CA CYS A 94 25.99 -25.14 -26.46
C CYS A 94 24.68 -24.38 -26.21
N ALA A 95 24.81 -23.15 -25.70
CA ALA A 95 23.65 -22.27 -25.38
C ALA A 95 22.73 -22.03 -26.57
N GLU A 96 23.31 -21.78 -27.75
CA GLU A 96 22.55 -21.56 -28.98
C GLU A 96 21.72 -22.79 -29.37
N MSE A 97 22.31 -23.98 -29.21
CA MSE A 97 21.61 -25.24 -29.53
C MSE A 97 20.47 -25.52 -28.54
O MSE A 97 19.44 -26.04 -28.96
CB MSE A 97 22.58 -26.43 -29.63
CG MSE A 97 23.65 -26.29 -30.71
SE MSE A 97 23.05 -26.00 -32.57
CE MSE A 97 22.55 -24.11 -32.53
N GLN A 98 20.64 -25.17 -27.27
CA GLN A 98 19.55 -25.33 -26.26
C GLN A 98 18.34 -24.43 -26.58
N VAL A 99 18.59 -23.25 -27.13
CA VAL A 99 17.52 -22.31 -27.54
C VAL A 99 16.74 -22.89 -28.73
N CYS A 100 17.46 -23.47 -29.70
CA CYS A 100 16.85 -24.09 -30.89
C CYS A 100 16.04 -25.35 -30.52
N ARG A 101 16.56 -26.16 -29.59
CA ARG A 101 15.85 -27.37 -29.12
C ARG A 101 14.57 -27.08 -28.32
N GLY A 102 14.49 -25.91 -27.70
CA GLY A 102 13.35 -25.50 -26.86
C GLY A 102 13.68 -25.41 -25.38
N GLN A 103 14.89 -25.80 -24.99
CA GLN A 103 15.36 -25.74 -23.59
C GLN A 103 15.72 -24.27 -23.29
N GLU A 104 14.68 -23.47 -23.08
CA GLU A 104 14.78 -22.03 -22.82
C GLU A 104 15.48 -21.70 -21.50
N LYS A 105 15.07 -22.40 -20.44
CA LYS A 105 15.61 -22.18 -19.09
C LYS A 105 17.08 -22.60 -18.97
N ASP A 106 17.43 -23.77 -19.51
CA ASP A 106 18.81 -24.28 -19.48
C ASP A 106 19.74 -23.42 -20.39
N ALA A 107 19.20 -22.91 -21.49
CA ALA A 107 19.95 -22.00 -22.38
C ALA A 107 20.19 -20.66 -21.68
N LEU A 108 19.20 -20.18 -20.93
CA LEU A 108 19.30 -18.92 -20.17
C LEU A 108 20.43 -19.02 -19.13
N ARG A 109 20.58 -20.20 -18.49
CA ARG A 109 21.63 -20.46 -17.49
C ARG A 109 23.02 -20.33 -18.11
N MSE A 110 23.24 -21.00 -19.24
CA MSE A 110 24.56 -20.98 -19.91
C MSE A 110 25.00 -19.58 -20.34
O MSE A 110 26.17 -19.25 -20.18
CB MSE A 110 24.63 -21.98 -21.08
CG MSE A 110 24.39 -23.43 -20.67
SE MSE A 110 24.89 -24.71 -22.03
CE MSE A 110 26.82 -24.51 -21.81
N TYR A 111 24.06 -18.77 -20.86
CA TYR A 111 24.38 -17.38 -21.24
C TYR A 111 24.72 -16.52 -20.02
N GLU A 112 24.02 -16.74 -18.90
CA GLU A 112 24.29 -16.00 -17.65
C GLU A 112 25.67 -16.42 -17.10
N LYS A 113 26.02 -17.71 -17.25
CA LYS A 113 27.34 -18.24 -16.83
C LYS A 113 28.47 -17.60 -17.66
N ILE A 114 28.23 -17.33 -18.95
CA ILE A 114 29.19 -16.64 -19.83
C ILE A 114 29.49 -15.23 -19.28
N LEU A 115 28.43 -14.50 -18.92
CA LEU A 115 28.56 -13.15 -18.33
C LEU A 115 29.36 -13.12 -17.02
N GLN A 116 29.29 -14.20 -16.24
CA GLN A 116 30.04 -14.34 -14.99
C GLN A 116 31.54 -14.49 -15.29
N LEU A 117 31.87 -15.31 -16.30
CA LEU A 117 33.26 -15.51 -16.76
C LEU A 117 33.82 -14.27 -17.52
N GLU A 118 32.95 -13.54 -18.22
CA GLU A 118 33.34 -12.32 -18.98
C GLU A 118 32.15 -11.34 -19.04
N ALA A 119 32.25 -10.24 -18.29
CA ALA A 119 31.19 -9.21 -18.22
C ALA A 119 30.73 -8.65 -19.56
N ASP A 120 31.68 -8.18 -20.37
CA ASP A 120 31.40 -7.55 -21.67
C ASP A 120 31.38 -8.50 -22.91
N ASN A 121 31.16 -9.80 -22.69
CA ASN A 121 31.09 -10.81 -23.78
C ASN A 121 30.06 -10.34 -24.79
N LEU A 122 30.44 -10.26 -26.06
CA LEU A 122 29.54 -9.74 -27.10
C LEU A 122 28.35 -10.66 -27.38
N ALA A 123 28.62 -11.96 -27.53
CA ALA A 123 27.58 -12.96 -27.83
C ALA A 123 26.45 -13.05 -26.79
N ALA A 124 26.83 -13.18 -25.51
CA ALA A 124 25.86 -13.30 -24.40
C ALA A 124 25.00 -12.04 -24.22
N ASN A 125 25.64 -10.87 -24.30
CA ASN A 125 24.94 -9.57 -24.20
C ASN A 125 23.97 -9.28 -25.36
N ILE A 126 24.23 -9.83 -26.55
CA ILE A 126 23.32 -9.69 -27.70
C ILE A 126 22.04 -10.50 -27.45
N PHE A 127 22.20 -11.78 -27.09
CA PHE A 127 21.06 -12.68 -26.83
C PHE A 127 20.16 -12.19 -25.70
N LEU A 128 20.77 -11.94 -24.54
CA LEU A 128 20.04 -11.50 -23.34
C LEU A 128 19.38 -10.14 -23.51
N GLY A 129 20.06 -9.20 -24.18
CA GLY A 129 19.53 -7.86 -24.48
C GLY A 129 18.23 -7.92 -25.27
N ASN A 130 18.18 -8.81 -26.25
CA ASN A 130 17.00 -9.07 -27.07
C ASN A 130 15.96 -9.93 -26.34
N TYR A 131 16.43 -10.87 -25.50
CA TYR A 131 15.54 -11.76 -24.72
C TYR A 131 14.67 -10.99 -23.74
N TYR A 132 15.31 -10.15 -22.93
CA TYR A 132 14.61 -9.33 -21.94
C TYR A 132 13.70 -8.29 -22.59
N TYR A 133 14.15 -7.68 -23.70
CA TYR A 133 13.33 -6.68 -24.43
C TYR A 133 12.07 -7.30 -25.05
N LEU A 134 12.21 -8.46 -25.70
CA LEU A 134 11.06 -9.16 -26.32
C LEU A 134 10.10 -9.74 -25.29
N THR A 135 10.62 -10.31 -24.19
CA THR A 135 9.77 -10.86 -23.11
C THR A 135 9.05 -9.75 -22.31
N ALA A 136 9.68 -8.58 -22.17
CA ALA A 136 9.06 -7.42 -21.50
C ALA A 136 7.99 -6.77 -22.40
N GLU A 137 8.16 -6.90 -23.72
CA GLU A 137 7.21 -6.33 -24.70
C GLU A 137 5.86 -7.06 -24.62
N GLN A 138 5.89 -8.40 -24.58
CA GLN A 138 4.67 -9.23 -24.45
C GLN A 138 3.95 -9.04 -23.10
N GLU A 139 4.73 -8.85 -22.02
CA GLU A 139 4.19 -8.57 -20.67
C GLU A 139 3.50 -7.19 -20.61
N LYS A 140 4.06 -6.22 -21.36
CA LYS A 140 3.52 -4.86 -21.47
C LYS A 140 2.17 -4.87 -22.24
N LYS A 141 2.04 -5.75 -23.23
CA LYS A 141 0.80 -5.89 -24.02
C LYS A 141 -0.30 -6.55 -23.17
N LYS A 142 0.06 -7.57 -22.38
CA LYS A 142 -0.86 -8.27 -21.46
C LYS A 142 -1.42 -7.30 -20.40
N LEU A 143 -0.54 -6.45 -19.89
CA LEU A 143 -0.87 -5.41 -18.88
C LEU A 143 -1.87 -4.37 -19.42
N GLU A 144 -1.70 -3.96 -20.68
CA GLU A 144 -2.59 -2.99 -21.36
C GLU A 144 -3.93 -3.60 -21.79
N THR A 145 -3.92 -4.88 -22.21
CA THR A 145 -5.14 -5.59 -22.63
C THR A 145 -6.14 -5.78 -21.47
N ASP A 146 -5.61 -6.02 -20.25
CA ASP A 146 -6.43 -6.20 -19.04
C ASP A 146 -7.12 -4.90 -18.61
N TYR A 147 -6.37 -3.80 -18.60
CA TYR A 147 -6.88 -2.48 -18.19
C TYR A 147 -7.83 -1.87 -19.23
N LYS A 148 -7.37 -1.77 -20.48
CA LYS A 148 -8.17 -1.19 -21.57
C LYS A 148 -9.16 -2.21 -22.13
N SER A 152 -16.29 3.38 -14.90
CA SER A 152 -15.23 2.46 -15.28
C SER A 152 -14.34 3.06 -16.38
N PRO A 153 -13.00 2.85 -16.30
CA PRO A 153 -12.22 2.11 -15.30
C PRO A 153 -12.04 2.86 -13.97
N THR A 154 -11.79 2.11 -12.88
CA THR A 154 -11.60 2.68 -11.55
C THR A 154 -10.14 3.12 -11.40
N LYS A 155 -9.92 4.24 -10.69
CA LYS A 155 -8.56 4.78 -10.46
C LYS A 155 -7.63 3.88 -9.61
N MSE A 156 -8.20 2.94 -8.85
CA MSE A 156 -7.43 1.93 -8.07
C MSE A 156 -6.80 0.92 -9.04
O MSE A 156 -5.62 0.54 -8.88
CB MSE A 156 -8.35 1.22 -7.07
CG MSE A 156 -7.74 0.07 -6.25
SE MSE A 156 -6.07 0.48 -5.33
CE MSE A 156 -5.90 -1.15 -4.27
N GLN A 157 -7.58 0.47 -10.03
CA GLN A 157 -7.13 -0.45 -11.07
C GLN A 157 -6.12 0.23 -12.00
N TYR A 158 -6.30 1.53 -12.25
CA TYR A 158 -5.38 2.34 -13.06
C TYR A 158 -4.02 2.52 -12.34
N ALA A 159 -4.04 2.58 -11.00
CA ALA A 159 -2.82 2.66 -10.17
C ALA A 159 -2.03 1.36 -10.31
N ARG A 160 -2.73 0.22 -10.18
CA ARG A 160 -2.16 -1.13 -10.35
C ARG A 160 -1.60 -1.35 -11.77
N TYR A 161 -2.24 -0.73 -12.77
CA TYR A 161 -1.81 -0.78 -14.19
C TYR A 161 -0.45 -0.07 -14.39
N ARG A 162 -0.36 1.19 -13.99
CA ARG A 162 0.89 1.98 -14.11
C ARG A 162 2.04 1.43 -13.24
N ASP A 163 1.71 0.83 -12.08
CA ASP A 163 2.71 0.18 -11.20
C ASP A 163 3.31 -1.06 -11.86
N GLY A 164 2.50 -1.79 -12.63
CA GLY A 164 2.96 -2.97 -13.40
C GLY A 164 3.96 -2.54 -14.47
N LEU A 165 3.68 -1.41 -15.13
CA LEU A 165 4.57 -0.82 -16.14
C LEU A 165 5.92 -0.40 -15.52
N SER A 166 5.88 0.14 -14.30
CA SER A 166 7.09 0.56 -13.58
C SER A 166 7.93 -0.64 -13.10
N LYS A 167 7.26 -1.63 -12.49
CA LYS A 167 7.91 -2.84 -11.95
C LYS A 167 8.57 -3.68 -13.05
N LEU A 168 7.82 -3.86 -14.15
CA LEU A 168 8.31 -4.61 -15.31
C LEU A 168 9.48 -3.87 -15.98
N PHE A 169 9.49 -2.53 -15.94
CA PHE A 169 10.57 -1.73 -16.55
C PHE A 169 11.90 -1.90 -15.79
N THR A 170 11.88 -1.64 -14.48
CA THR A 170 13.10 -1.75 -13.65
C THR A 170 13.65 -3.19 -13.52
N THR A 171 12.76 -4.18 -13.57
CA THR A 171 13.12 -5.60 -13.45
C THR A 171 13.61 -6.20 -14.77
N ARG A 172 12.83 -5.98 -15.84
CA ARG A 172 13.09 -6.57 -17.16
C ARG A 172 13.75 -5.65 -18.20
N TYR A 173 13.14 -4.49 -18.52
CA TYR A 173 13.73 -3.54 -19.50
C TYR A 173 15.15 -3.06 -19.12
N GLU A 174 15.38 -2.81 -17.83
CA GLU A 174 16.71 -2.38 -17.29
C GLU A 174 17.84 -3.37 -17.64
N LYS A 175 17.54 -4.67 -17.53
CA LYS A 175 18.50 -5.73 -17.87
C LYS A 175 18.72 -5.79 -19.38
N ALA A 176 17.68 -5.45 -20.17
CA ALA A 176 17.77 -5.40 -21.64
C ALA A 176 18.69 -4.27 -22.09
N ARG A 177 18.52 -3.08 -21.52
CA ARG A 177 19.36 -1.91 -21.84
C ARG A 177 20.81 -2.08 -21.35
N ASN A 178 21.02 -2.72 -20.20
CA ASN A 178 22.37 -2.97 -19.66
C ASN A 178 23.22 -3.84 -20.62
N SER A 179 22.58 -4.86 -21.20
CA SER A 179 23.24 -5.75 -22.15
C SER A 179 23.45 -5.07 -23.51
N LEU A 180 22.43 -4.34 -23.99
CA LEU A 180 22.51 -3.62 -25.28
C LEU A 180 23.56 -2.49 -25.31
N GLN A 181 23.82 -1.85 -24.16
CA GLN A 181 24.85 -0.79 -24.06
C GLN A 181 26.28 -1.37 -24.19
N LYS A 182 26.50 -2.55 -23.62
CA LYS A 182 27.81 -3.25 -23.74
C LYS A 182 28.06 -3.76 -25.17
N VAL A 183 26.99 -4.02 -25.93
CA VAL A 183 27.06 -4.47 -27.33
C VAL A 183 27.66 -3.35 -28.20
N ILE A 184 27.11 -2.13 -28.04
CA ILE A 184 27.60 -0.94 -28.78
C ILE A 184 28.67 -0.14 -28.01
N LEU A 185 29.46 -0.84 -27.16
CA LEU A 185 30.53 -0.23 -26.36
C LEU A 185 31.67 0.20 -27.28
N ARG A 186 32.08 -0.72 -28.15
CA ARG A 186 33.14 -0.51 -29.15
C ARG A 186 32.82 -0.97 -30.60
N PHE A 187 31.66 -1.63 -30.81
CA PHE A 187 31.21 -2.09 -32.15
C PHE A 187 29.79 -1.57 -32.37
N PRO A 188 29.62 -0.50 -33.19
CA PRO A 188 28.27 0.04 -33.39
C PRO A 188 27.33 -0.92 -34.16
N SER A 189 26.04 -0.78 -33.89
CA SER A 189 25.01 -1.61 -34.51
C SER A 189 23.68 -0.85 -34.65
N THR A 190 23.08 -0.94 -35.84
CA THR A 190 21.78 -0.31 -36.12
C THR A 190 20.68 -1.09 -35.38
N GLU A 191 20.84 -2.42 -35.31
CA GLU A 191 19.90 -3.31 -34.60
C GLU A 191 19.89 -3.03 -33.09
N ALA A 192 21.07 -2.70 -32.52
CA ALA A 192 21.19 -2.38 -31.10
C ALA A 192 20.66 -0.98 -30.79
N GLN A 193 21.10 0.03 -31.56
CA GLN A 193 20.65 1.42 -31.38
C GLN A 193 19.16 1.69 -31.63
N LYS A 194 18.54 0.96 -32.56
CA LYS A 194 17.09 1.09 -32.84
C LYS A 194 16.27 0.58 -31.65
N THR A 195 16.78 -0.42 -30.92
CA THR A 195 16.13 -0.96 -29.72
C THR A 195 16.30 -0.01 -28.52
N LEU A 196 17.48 0.60 -28.38
CA LEU A 196 17.74 1.56 -27.27
C LEU A 196 16.83 2.79 -27.28
N ASP A 197 16.51 3.32 -28.46
CA ASP A 197 15.59 4.48 -28.59
C ASP A 197 14.12 4.08 -28.27
N LYS A 198 13.74 2.83 -28.58
CA LYS A 198 12.40 2.29 -28.24
C LYS A 198 12.27 2.09 -26.72
N ILE A 199 13.36 1.64 -26.07
CA ILE A 199 13.38 1.51 -24.59
C ILE A 199 13.29 2.91 -23.96
N LEU A 200 14.00 3.88 -24.56
CA LEU A 200 13.97 5.30 -24.12
C LEU A 200 12.57 5.92 -24.32
N ARG A 201 11.86 5.49 -25.37
CA ARG A 201 10.50 5.95 -25.67
C ARG A 201 9.52 5.42 -24.61
N ILE A 202 9.61 4.12 -24.32
CA ILE A 202 8.77 3.45 -23.30
C ILE A 202 9.03 3.97 -21.87
N GLU A 203 10.27 4.40 -21.61
CA GLU A 203 10.70 4.94 -20.30
C GLU A 203 9.98 6.26 -19.93
N LYS A 204 9.95 7.21 -20.86
CA LYS A 204 9.31 8.52 -20.62
C LYS A 204 7.76 8.48 -20.52
N GLU A 205 7.13 7.45 -21.11
CA GLU A 205 5.67 7.25 -21.03
C GLU A 205 5.27 6.71 -19.65
N VAL A 206 6.02 5.71 -19.17
CA VAL A 206 5.78 5.08 -17.86
C VAL A 206 6.20 5.99 -16.67
N ASN A 207 7.11 6.94 -16.92
CA ASN A 207 7.66 7.89 -15.91
C ASN A 207 8.57 7.17 -14.91
N GLN B 2 -25.79 34.36 58.96
CA GLN B 2 -24.33 34.31 58.60
C GLN B 2 -23.88 32.85 58.48
N SER B 3 -24.20 32.04 59.48
CA SER B 3 -23.86 30.61 59.52
C SER B 3 -24.73 29.83 58.52
N VAL B 4 -24.18 28.76 57.97
CA VAL B 4 -24.91 27.90 57.03
C VAL B 4 -26.08 27.17 57.72
N ASP B 5 -25.90 26.75 58.96
CA ASP B 5 -26.95 26.09 59.74
C ASP B 5 -28.16 27.06 59.88
N GLU B 6 -27.89 28.32 60.22
CA GLU B 6 -28.92 29.37 60.34
C GLU B 6 -29.64 29.65 59.01
N MSE B 7 -28.86 29.70 57.93
CA MSE B 7 -29.40 29.95 56.60
C MSE B 7 -30.28 28.82 56.10
O MSE B 7 -31.27 29.07 55.42
CB MSE B 7 -28.26 30.17 55.61
CG MSE B 7 -27.49 31.46 55.80
SE MSE B 7 -28.52 32.97 55.20
CE MSE B 7 -28.82 32.52 53.35
N LEU B 8 -29.90 27.57 56.42
CA LEU B 8 -30.67 26.39 56.03
C LEU B 8 -32.03 26.35 56.76
N GLN B 9 -32.10 26.86 57.98
CA GLN B 9 -33.40 26.97 58.68
C GLN B 9 -34.38 27.90 57.93
N LYS B 10 -33.86 28.92 57.24
CA LYS B 10 -34.71 29.85 56.46
C LYS B 10 -35.26 29.14 55.23
N VAL B 11 -34.43 28.28 54.62
CA VAL B 11 -34.83 27.47 53.49
C VAL B 11 -36.03 26.59 53.93
N SER B 12 -35.88 25.88 55.04
CA SER B 12 -36.96 25.02 55.58
C SER B 12 -38.22 25.80 55.93
N ALA B 13 -38.07 26.94 56.64
CA ALA B 13 -39.22 27.81 57.00
C ALA B 13 -39.95 28.32 55.76
N ALA B 14 -39.22 28.75 54.74
CA ALA B 14 -39.79 29.24 53.47
C ALA B 14 -40.56 28.13 52.75
N ILE B 15 -39.99 26.92 52.73
CA ILE B 15 -40.65 25.75 52.14
C ILE B 15 -41.96 25.41 52.85
N GLU B 16 -41.98 25.37 54.18
CA GLU B 16 -43.22 25.05 54.91
C GLU B 16 -44.31 26.10 54.81
N ALA B 17 -43.93 27.36 54.54
CA ALA B 17 -44.89 28.46 54.36
C ALA B 17 -45.34 28.58 52.90
N GLY B 18 -44.82 27.73 51.99
CA GLY B 18 -45.16 27.80 50.58
C GLY B 18 -44.54 29.01 49.87
N GLN B 19 -43.37 29.46 50.34
CA GLN B 19 -42.65 30.62 49.77
C GLN B 19 -41.43 30.06 49.07
N ASN B 20 -41.71 29.37 47.98
CA ASN B 20 -40.70 28.65 47.18
C ASN B 20 -39.63 29.52 46.55
N GLY B 21 -40.01 30.73 46.12
CA GLY B 21 -39.10 31.70 45.53
C GLY B 21 -38.02 32.12 46.50
N GLN B 22 -38.41 32.49 47.72
CA GLN B 22 -37.42 32.90 48.73
C GLN B 22 -36.61 31.69 49.24
N ALA B 23 -37.21 30.50 49.25
CA ALA B 23 -36.50 29.27 49.64
C ALA B 23 -35.33 28.99 48.68
N VAL B 24 -35.55 29.17 47.38
CA VAL B 24 -34.51 28.98 46.35
C VAL B 24 -33.37 30.02 46.48
N SER B 25 -33.72 31.29 46.76
CA SER B 25 -32.73 32.37 46.95
C SER B 25 -31.83 32.08 48.13
N TYR B 26 -32.42 31.73 49.27
CA TYR B 26 -31.64 31.34 50.46
C TYR B 26 -30.73 30.13 50.19
N PHE B 27 -31.22 29.17 49.44
CA PHE B 27 -30.46 27.99 49.08
C PHE B 27 -29.23 28.36 48.22
N ARG B 28 -29.36 29.31 47.28
CA ARG B 28 -28.20 29.79 46.48
C ARG B 28 -27.13 30.42 47.34
N GLN B 29 -27.56 31.22 48.30
CA GLN B 29 -26.66 31.91 49.22
C GLN B 29 -25.90 30.94 50.12
N THR B 30 -26.54 29.84 50.52
CA THR B 30 -25.89 28.81 51.37
C THR B 30 -24.84 28.01 50.55
N ILE B 31 -25.10 27.80 49.25
CA ILE B 31 -24.11 27.12 48.37
C ILE B 31 -22.79 27.93 48.35
N ALA B 32 -22.90 29.25 48.22
CA ALA B 32 -21.73 30.16 48.23
C ALA B 32 -20.92 30.08 49.53
N LEU B 33 -21.60 29.89 50.67
CA LEU B 33 -20.95 29.74 51.97
C LEU B 33 -20.29 28.35 52.13
N ASN B 34 -21.04 27.27 51.86
CA ASN B 34 -20.53 25.89 52.03
C ASN B 34 -21.36 24.90 51.23
N ILE B 35 -20.85 24.55 50.05
CA ILE B 35 -21.54 23.65 49.13
C ILE B 35 -21.73 22.23 49.65
N ASP B 36 -20.75 21.69 50.39
CA ASP B 36 -20.82 20.33 50.95
CA ASP B 36 -20.85 20.33 50.94
C ASP B 36 -21.94 20.21 52.00
N ARG B 37 -22.09 21.24 52.84
CA ARG B 37 -23.15 21.28 53.87
CA ARG B 37 -23.14 21.29 53.88
C ARG B 37 -24.50 21.37 53.17
N THR B 38 -24.59 22.25 52.17
CA THR B 38 -25.81 22.46 51.38
C THR B 38 -26.24 21.17 50.70
N GLU B 39 -25.28 20.46 50.09
CA GLU B 39 -25.53 19.16 49.45
C GLU B 39 -26.10 18.15 50.46
N MSE B 40 -25.47 18.07 51.62
CA MSE B 40 -25.92 17.20 52.72
C MSE B 40 -27.40 17.51 53.10
O MSE B 40 -28.19 16.59 53.31
CB MSE B 40 -25.01 17.37 53.94
CG MSE B 40 -25.04 16.28 54.98
SE MSE B 40 -23.75 16.71 56.41
CE MSE B 40 -22.15 17.16 55.34
N TYR B 41 -27.75 18.79 53.15
CA TYR B 41 -29.13 19.22 53.44
C TYR B 41 -30.11 18.70 52.39
N TYR B 42 -29.71 18.79 51.11
CA TYR B 42 -30.53 18.30 50.03
C TYR B 42 -30.85 16.81 50.21
N TRP B 43 -29.84 16.02 50.56
CA TRP B 43 -29.99 14.58 50.74
C TRP B 43 -30.79 14.16 51.93
N THR B 44 -30.57 14.80 53.06
CA THR B 44 -31.22 14.46 54.31
C THR B 44 -32.56 15.16 54.61
N ASN B 45 -32.74 16.41 54.17
CA ASN B 45 -33.96 17.21 54.48
C ASN B 45 -34.93 17.58 53.36
N VAL B 46 -34.56 17.46 52.10
CA VAL B 46 -35.48 17.85 51.04
C VAL B 46 -36.33 16.68 50.57
N ASP B 47 -37.65 16.91 50.53
CA ASP B 47 -38.64 15.96 50.04
C ASP B 47 -38.40 15.89 48.53
N LYS B 48 -37.96 14.73 48.05
CA LYS B 48 -37.65 14.55 46.60
C LYS B 48 -38.90 14.54 45.69
N ASN B 49 -40.08 14.29 46.26
CA ASN B 49 -41.36 14.35 45.52
C ASN B 49 -42.00 15.75 45.47
N SER B 50 -41.39 16.77 46.09
CA SER B 50 -41.93 18.14 46.10
C SER B 50 -41.49 18.91 44.85
N GLU B 51 -42.21 19.97 44.51
CA GLU B 51 -41.87 20.78 43.31
C GLU B 51 -40.55 21.54 43.50
N ILE B 52 -40.28 21.98 44.73
CA ILE B 52 -39.03 22.70 45.06
C ILE B 52 -37.75 21.86 44.80
N SER B 53 -37.80 20.55 45.08
CA SER B 53 -36.69 19.58 44.90
C SER B 53 -35.81 19.80 43.67
N SER B 54 -36.49 19.94 42.53
CA SER B 54 -35.82 20.15 41.24
C SER B 54 -35.08 21.45 41.16
N LYS B 55 -35.67 22.52 41.70
CA LYS B 55 -35.00 23.82 41.68
C LYS B 55 -33.73 23.78 42.55
N LEU B 56 -33.76 23.10 43.68
CA LEU B 56 -32.60 22.98 44.56
C LEU B 56 -31.49 22.10 43.94
N ALA B 57 -31.89 21.01 43.28
CA ALA B 57 -30.93 20.14 42.60
C ALA B 57 -30.20 20.91 41.49
N THR B 58 -30.91 21.79 40.77
CA THR B 58 -30.35 22.59 39.69
C THR B 58 -29.34 23.60 40.20
N GLU B 59 -29.60 24.20 41.36
CA GLU B 59 -28.67 25.14 41.97
C GLU B 59 -27.35 24.42 42.34
N LEU B 60 -27.43 23.19 42.86
CA LEU B 60 -26.23 22.42 43.22
C LEU B 60 -25.45 22.00 41.97
N ALA B 61 -26.16 21.54 40.95
CA ALA B 61 -25.52 21.13 39.69
C ALA B 61 -24.73 22.29 39.07
N LEU B 62 -25.33 23.46 39.06
CA LEU B 62 -24.73 24.65 38.49
C LEU B 62 -23.48 25.07 39.27
N ALA B 63 -23.54 25.03 40.60
CA ALA B 63 -22.42 25.44 41.47
C ALA B 63 -21.24 24.47 41.37
N TYR B 64 -21.51 23.17 41.31
CA TYR B 64 -20.46 22.16 41.15
C TYR B 64 -19.75 22.29 39.78
N LYS B 65 -20.51 22.65 38.75
CA LYS B 65 -19.97 22.90 37.41
C LYS B 65 -18.99 24.09 37.45
N LYS B 66 -19.37 25.21 38.09
CA LYS B 66 -18.46 26.35 38.21
C LYS B 66 -17.17 26.01 38.98
N ASN B 67 -17.30 25.15 39.99
CA ASN B 67 -16.15 24.68 40.80
C ASN B 67 -15.25 23.69 40.05
N ARG B 68 -15.71 23.19 38.91
CA ARG B 68 -15.03 22.20 38.10
C ARG B 68 -15.00 20.85 38.82
N ASN B 69 -16.04 20.58 39.63
CA ASN B 69 -16.23 19.31 40.30
C ASN B 69 -17.24 18.66 39.36
N TYR B 70 -16.72 18.13 38.27
CA TYR B 70 -17.56 17.56 37.23
C TYR B 70 -18.27 16.28 37.69
N ASP B 71 -17.64 15.50 38.58
CA ASP B 71 -18.26 14.29 39.16
C ASP B 71 -19.57 14.64 39.90
N LYS B 72 -19.53 15.66 40.74
CA LYS B 72 -20.72 16.13 41.45
C LYS B 72 -21.72 16.85 40.55
N ALA B 73 -21.25 17.60 39.55
CA ALA B 73 -22.16 18.31 38.60
C ALA B 73 -23.00 17.26 37.88
N TYR B 74 -22.32 16.22 37.42
CA TYR B 74 -22.93 15.09 36.75
C TYR B 74 -23.97 14.43 37.66
N LEU B 75 -23.59 14.16 38.91
CA LEU B 75 -24.51 13.53 39.88
C LEU B 75 -25.83 14.29 39.99
N PHE B 76 -25.77 15.61 40.11
CA PHE B 76 -26.98 16.43 40.21
C PHE B 76 -27.78 16.61 38.94
N TYR B 77 -27.09 16.68 37.79
CA TYR B 77 -27.82 16.75 36.52
C TYR B 77 -28.52 15.41 36.25
N LYS B 78 -27.90 14.31 36.69
CA LYS B 78 -28.49 12.96 36.57
C LYS B 78 -29.76 12.86 37.46
N GLU B 79 -29.75 13.43 38.67
CA GLU B 79 -30.95 13.47 39.55
C GLU B 79 -32.12 14.22 38.86
N LEU B 80 -31.81 15.30 38.15
CA LEU B 80 -32.84 16.07 37.41
C LEU B 80 -33.37 15.26 36.24
N LEU B 81 -32.44 14.60 35.53
CA LEU B 81 -32.75 13.76 34.41
C LEU B 81 -33.66 12.58 34.76
N GLN B 82 -33.56 12.00 35.96
CA GLN B 82 -34.43 10.86 36.33
CA GLN B 82 -34.43 10.84 36.36
C GLN B 82 -35.91 11.27 36.39
N LYS B 83 -36.18 12.52 36.80
CA LYS B 83 -37.53 13.09 36.88
C LYS B 83 -38.15 13.38 35.50
N ALA B 84 -37.30 13.71 34.51
CA ALA B 84 -37.71 13.99 33.13
C ALA B 84 -36.68 13.38 32.14
N PRO B 85 -36.70 12.04 31.97
CA PRO B 85 -35.66 11.36 31.15
C PRO B 85 -35.54 11.70 29.67
N ASN B 86 -36.62 12.23 29.08
CA ASN B 86 -36.69 12.61 27.68
C ASN B 86 -36.61 14.13 27.48
N ASN B 87 -36.23 14.88 28.51
CA ASN B 87 -36.11 16.33 28.42
C ASN B 87 -34.74 16.60 27.81
N VAL B 88 -34.74 17.13 26.59
CA VAL B 88 -33.49 17.41 25.83
C VAL B 88 -32.54 18.38 26.54
N ASP B 89 -33.07 19.33 27.31
CA ASP B 89 -32.26 20.31 28.07
C ASP B 89 -31.53 19.61 29.23
N CSX B 90 -32.21 18.69 29.92
CA CSX B 90 -31.60 17.88 31.00
CB CSX B 90 -32.68 17.11 31.77
SG CSX B 90 -33.84 18.18 32.47
C CSX B 90 -30.55 16.93 30.44
O CSX B 90 -29.50 16.70 31.03
OD CSX B 90 -33.09 19.02 33.45
N LEU B 91 -30.84 16.32 29.27
CA LEU B 91 -29.87 15.43 28.60
C LEU B 91 -28.56 16.20 28.22
N GLU B 92 -28.73 17.40 27.65
CA GLU B 92 -27.65 18.29 27.23
C GLU B 92 -26.74 18.65 28.41
N ALA B 93 -27.32 19.07 29.54
CA ALA B 93 -26.55 19.40 30.75
C ALA B 93 -25.71 18.21 31.24
N CYS B 94 -26.30 17.01 31.19
CA CYS B 94 -25.59 15.78 31.60
CA CYS B 94 -25.62 15.79 31.63
C CYS B 94 -24.45 15.43 30.66
N ALA B 95 -24.73 15.49 29.35
CA ALA B 95 -23.72 15.18 28.31
C ALA B 95 -22.48 16.08 28.42
N GLU B 96 -22.68 17.37 28.67
CA GLU B 96 -21.59 18.35 28.84
C GLU B 96 -20.66 17.98 30.01
N MSE B 97 -21.24 17.56 31.13
CA MSE B 97 -20.47 17.13 32.29
C MSE B 97 -19.65 15.88 31.96
O MSE B 97 -18.52 15.77 32.42
CB MSE B 97 -21.35 16.95 33.52
CG MSE B 97 -22.00 18.26 34.01
SE MSE B 97 -20.70 19.71 34.30
CE MSE B 97 -20.43 20.48 32.47
N GLN B 98 -20.19 14.98 31.15
CA GLN B 98 -19.47 13.78 30.72
C GLN B 98 -18.25 14.11 29.86
N VAL B 99 -18.34 15.15 29.03
CA VAL B 99 -17.20 15.62 28.22
C VAL B 99 -16.11 16.15 29.16
N CYS B 100 -16.51 16.98 30.12
CA CYS B 100 -15.57 17.51 31.12
C CYS B 100 -14.90 16.43 32.00
N ARG B 101 -15.59 15.29 32.24
CA ARG B 101 -15.03 14.16 33.02
C ARG B 101 -14.18 13.19 32.18
N GLY B 102 -14.03 13.46 30.88
CA GLY B 102 -13.29 12.57 30.00
C GLY B 102 -14.07 11.31 29.65
N GLN B 103 -15.40 11.33 29.84
CA GLN B 103 -16.28 10.21 29.54
C GLN B 103 -16.89 10.55 28.16
N GLU B 104 -16.02 10.55 27.15
CA GLU B 104 -16.38 10.90 25.77
C GLU B 104 -17.35 9.91 25.16
N LYS B 105 -17.16 8.62 25.42
CA LYS B 105 -18.03 7.56 24.89
C LYS B 105 -19.46 7.82 25.38
N ASP B 106 -19.63 7.92 26.70
CA ASP B 106 -20.96 8.17 27.29
C ASP B 106 -21.54 9.54 26.89
N ALA B 107 -20.70 10.57 26.77
CA ALA B 107 -21.17 11.90 26.36
C ALA B 107 -21.76 11.87 24.95
N LEU B 108 -21.08 11.15 24.05
CA LEU B 108 -21.50 11.02 22.66
C LEU B 108 -22.86 10.28 22.58
N ARG B 109 -23.05 9.25 23.41
CA ARG B 109 -24.33 8.50 23.49
C ARG B 109 -25.49 9.44 23.84
N MSE B 110 -25.26 10.31 24.82
CA MSE B 110 -26.27 11.25 25.28
C MSE B 110 -26.65 12.28 24.21
O MSE B 110 -27.83 12.54 24.01
CB MSE B 110 -25.84 11.92 26.56
CG MSE B 110 -25.59 10.92 27.66
SE MSE B 110 -25.47 11.70 29.38
CE MSE B 110 -27.36 11.98 29.53
N TYR B 111 -25.64 12.80 23.50
CA TYR B 111 -25.91 13.76 22.40
C TYR B 111 -26.68 13.11 21.26
N GLU B 112 -26.36 11.85 20.96
CA GLU B 112 -27.08 11.10 19.92
C GLU B 112 -28.51 10.78 20.37
N LYS B 113 -28.75 10.56 21.67
CA LYS B 113 -30.12 10.35 22.17
C LYS B 113 -30.95 11.65 21.99
N ILE B 114 -30.32 12.81 22.27
CA ILE B 114 -30.97 14.10 22.07
C ILE B 114 -31.45 14.24 20.62
N LEU B 115 -30.58 13.88 19.65
CA LEU B 115 -30.95 13.94 18.23
C LEU B 115 -32.10 13.00 17.85
N GLN B 116 -32.17 11.85 18.52
CA GLN B 116 -33.26 10.88 18.31
C GLN B 116 -34.60 11.52 18.77
N LEU B 117 -34.59 12.20 19.92
CA LEU B 117 -35.80 12.88 20.43
C LEU B 117 -36.18 14.11 19.59
N GLU B 118 -35.17 14.90 19.20
CA GLU B 118 -35.36 16.14 18.41
C GLU B 118 -34.21 16.29 17.44
N ALA B 119 -34.46 16.02 16.16
CA ALA B 119 -33.42 16.09 15.11
C ALA B 119 -32.73 17.44 14.89
N ASP B 120 -33.46 18.54 15.08
CA ASP B 120 -32.92 19.90 14.87
C ASP B 120 -32.39 20.58 16.15
N ASN B 121 -32.20 19.81 17.23
CA ASN B 121 -31.75 20.34 18.52
C ASN B 121 -30.47 21.11 18.29
N LEU B 122 -30.48 22.38 18.72
CA LEU B 122 -29.38 23.29 18.47
C LEU B 122 -28.11 22.86 19.19
N ALA B 123 -28.21 22.55 20.48
CA ALA B 123 -27.04 22.14 21.28
C ALA B 123 -26.33 20.88 20.81
N ALA B 124 -27.10 19.84 20.48
CA ALA B 124 -26.56 18.57 20.04
C ALA B 124 -25.90 18.68 18.66
N ASN B 125 -26.45 19.52 17.79
CA ASN B 125 -25.89 19.77 16.47
C ASN B 125 -24.61 20.63 16.51
N ILE B 126 -24.53 21.56 17.44
CA ILE B 126 -23.30 22.34 17.60
C ILE B 126 -22.20 21.41 18.10
N PHE B 127 -22.49 20.61 19.13
CA PHE B 127 -21.50 19.69 19.67
C PHE B 127 -21.03 18.66 18.64
N LEU B 128 -21.98 17.95 18.03
CA LEU B 128 -21.67 16.91 17.06
C LEU B 128 -21.01 17.43 15.78
N GLY B 129 -21.42 18.60 15.31
CA GLY B 129 -20.81 19.25 14.15
C GLY B 129 -19.30 19.44 14.37
N ASN B 130 -18.95 19.94 15.55
CA ASN B 130 -17.55 20.18 15.94
C ASN B 130 -16.77 18.90 16.26
N TYR B 131 -17.39 17.96 16.96
CA TYR B 131 -16.74 16.68 17.31
C TYR B 131 -16.32 15.93 16.06
N TYR B 132 -17.24 15.81 15.09
CA TYR B 132 -16.93 15.13 13.83
C TYR B 132 -15.86 15.84 13.00
N TYR B 133 -15.80 17.18 13.08
CA TYR B 133 -14.80 17.96 12.36
C TYR B 133 -13.38 17.72 12.92
N LEU B 134 -13.23 17.88 14.24
CA LEU B 134 -11.91 17.70 14.90
C LEU B 134 -11.37 16.28 14.79
N THR B 135 -12.23 15.28 14.99
CA THR B 135 -11.81 13.87 14.85
C THR B 135 -11.47 13.54 13.39
N ALA B 136 -12.17 14.17 12.45
CA ALA B 136 -11.90 14.02 11.01
C ALA B 136 -10.55 14.66 10.64
N GLU B 137 -10.20 15.75 11.34
CA GLU B 137 -8.96 16.50 11.12
C GLU B 137 -7.73 15.68 11.59
N GLN B 138 -7.81 15.13 12.81
CA GLN B 138 -6.70 14.30 13.36
C GLN B 138 -6.48 12.99 12.58
N GLU B 139 -7.55 12.40 12.01
CA GLU B 139 -7.43 11.19 11.17
C GLU B 139 -6.78 11.52 9.81
N LYS B 140 -7.04 12.74 9.30
CA LYS B 140 -6.46 13.23 8.04
C LYS B 140 -4.94 13.43 8.21
N LYS B 141 -4.53 13.99 9.36
CA LYS B 141 -3.11 14.22 9.69
C LYS B 141 -2.33 12.89 9.80
N LYS B 142 -2.91 11.91 10.49
CA LYS B 142 -2.32 10.55 10.65
C LYS B 142 -2.18 9.83 9.30
N LEU B 143 -3.17 10.02 8.42
CA LEU B 143 -3.19 9.43 7.08
C LEU B 143 -2.07 10.01 6.18
N GLU B 144 -1.82 11.32 6.30
CA GLU B 144 -0.76 12.02 5.55
C GLU B 144 0.66 11.68 6.04
N THR B 145 0.83 11.56 7.36
CA THR B 145 2.12 11.22 7.97
C THR B 145 2.60 9.81 7.60
N ASP B 146 1.68 8.83 7.59
CA ASP B 146 1.97 7.44 7.20
C ASP B 146 2.43 7.36 5.73
N TYR B 147 1.79 8.15 4.86
CA TYR B 147 2.18 8.24 3.45
C TYR B 147 3.55 8.95 3.35
N LYS B 148 3.81 9.92 4.25
CA LYS B 148 5.09 10.63 4.32
C LYS B 148 6.29 9.72 4.69
N LYS B 149 6.03 8.61 5.40
CA LYS B 149 7.06 7.62 5.76
C LYS B 149 7.46 6.87 4.48
N LEU B 150 8.73 7.00 4.09
CA LEU B 150 9.23 6.44 2.83
C LEU B 150 9.54 4.94 2.72
N SER B 151 9.09 4.39 1.60
CA SER B 151 9.36 3.02 1.11
C SER B 151 9.89 3.19 -0.34
N SER B 152 9.10 3.89 -1.16
CA SER B 152 9.42 4.24 -2.56
C SER B 152 9.00 5.70 -2.95
N PRO B 153 7.68 6.06 -2.89
CA PRO B 153 6.45 5.33 -2.56
C PRO B 153 5.74 4.79 -3.80
N THR B 154 5.15 3.60 -3.66
CA THR B 154 4.43 2.95 -4.75
C THR B 154 3.09 3.67 -4.94
N LYS B 155 2.71 3.92 -6.19
CA LYS B 155 1.42 4.61 -6.50
C LYS B 155 0.14 3.78 -6.21
N MSE B 156 0.31 2.49 -5.88
CA MSE B 156 -0.77 1.60 -5.41
C MSE B 156 -1.13 2.10 -3.99
O MSE B 156 -2.30 2.10 -3.62
CB MSE B 156 -0.30 0.14 -5.35
CG MSE B 156 -1.39 -0.92 -5.11
SE MSE B 156 -2.60 -1.17 -6.62
CE MSE B 156 -3.55 -2.75 -5.98
N GLN B 157 -0.10 2.49 -3.22
CA GLN B 157 -0.27 3.04 -1.86
C GLN B 157 -0.88 4.47 -1.92
N TYR B 158 -0.57 5.22 -2.98
CA TYR B 158 -1.12 6.57 -3.22
C TYR B 158 -2.66 6.52 -3.45
N ALA B 159 -3.13 5.45 -4.10
CA ALA B 159 -4.57 5.24 -4.32
C ALA B 159 -5.27 4.96 -2.98
N ARG B 160 -4.61 4.18 -2.12
CA ARG B 160 -5.10 3.87 -0.77
C ARG B 160 -5.09 5.14 0.12
N TYR B 161 -4.14 6.05 -0.16
CA TYR B 161 -4.05 7.35 0.54
C TYR B 161 -5.24 8.22 0.13
N ARG B 162 -5.45 8.41 -1.18
CA ARG B 162 -6.60 9.21 -1.69
C ARG B 162 -7.98 8.60 -1.37
N ASP B 163 -8.06 7.26 -1.43
CA ASP B 163 -9.29 6.53 -1.07
C ASP B 163 -9.62 6.68 0.43
N GLY B 164 -8.58 6.77 1.27
CA GLY B 164 -8.72 6.97 2.71
C GLY B 164 -9.29 8.35 3.06
N LEU B 165 -8.83 9.38 2.33
CA LEU B 165 -9.33 10.76 2.49
C LEU B 165 -10.81 10.88 2.07
N SER B 166 -11.18 10.16 1.00
CA SER B 166 -12.54 10.15 0.45
C SER B 166 -13.50 9.46 1.43
N LYS B 167 -13.15 8.25 1.88
CA LYS B 167 -13.96 7.51 2.88
C LYS B 167 -14.08 8.28 4.19
N LEU B 168 -12.98 8.92 4.61
CA LEU B 168 -12.96 9.74 5.83
C LEU B 168 -13.86 10.99 5.69
N PHE B 169 -13.99 11.52 4.46
CA PHE B 169 -14.83 12.70 4.18
C PHE B 169 -16.33 12.37 4.28
N THR B 170 -16.76 11.29 3.62
CA THR B 170 -18.17 10.86 3.66
C THR B 170 -18.57 10.26 5.03
N THR B 171 -17.59 9.79 5.81
CA THR B 171 -17.81 9.20 7.14
C THR B 171 -17.87 10.26 8.24
N ARG B 172 -16.92 11.21 8.24
CA ARG B 172 -16.83 12.25 9.27
C ARG B 172 -17.06 13.69 8.84
N TYR B 173 -16.41 14.16 7.78
CA TYR B 173 -16.62 15.56 7.34
C TYR B 173 -18.08 15.85 6.92
N GLU B 174 -18.74 14.87 6.27
CA GLU B 174 -20.16 15.00 5.86
C GLU B 174 -21.11 15.09 7.06
N LYS B 175 -20.90 14.23 8.07
CA LYS B 175 -21.69 14.26 9.32
C LYS B 175 -21.49 15.59 10.05
N ALA B 176 -20.25 16.11 10.01
CA ALA B 176 -19.93 17.41 10.59
C ALA B 176 -20.67 18.54 9.84
N ARG B 177 -20.71 18.48 8.51
CA ARG B 177 -21.42 19.50 7.71
C ARG B 177 -22.94 19.49 7.96
N ASN B 178 -23.54 18.29 8.04
CA ASN B 178 -24.99 18.10 8.27
C ASN B 178 -25.45 18.80 9.54
N SER B 179 -24.71 18.57 10.62
CA SER B 179 -24.99 19.22 11.89
C SER B 179 -24.78 20.73 11.80
N LEU B 180 -23.67 21.18 11.24
CA LEU B 180 -23.38 22.63 11.16
C LEU B 180 -24.35 23.41 10.24
N GLN B 181 -24.93 22.75 9.24
CA GLN B 181 -25.94 23.39 8.37
C GLN B 181 -27.24 23.63 9.12
N LYS B 182 -27.67 22.66 9.93
CA LYS B 182 -28.87 22.80 10.76
C LYS B 182 -28.74 23.92 11.78
N VAL B 183 -27.51 24.16 12.26
CA VAL B 183 -27.21 25.24 13.21
C VAL B 183 -27.41 26.61 12.55
N ILE B 184 -26.71 26.84 11.43
CA ILE B 184 -26.75 28.08 10.64
C ILE B 184 -28.16 28.43 10.08
N LEU B 185 -28.97 27.41 9.80
CA LEU B 185 -30.33 27.56 9.28
C LEU B 185 -31.26 28.31 10.27
N ARG B 186 -31.03 28.05 11.56
CA ARG B 186 -31.81 28.63 12.67
CA ARG B 186 -31.80 28.60 12.67
C ARG B 186 -31.05 29.63 13.55
N PHE B 187 -29.72 29.55 13.56
CA PHE B 187 -28.87 30.37 14.42
C PHE B 187 -27.57 30.87 13.76
N PRO B 188 -27.47 32.18 13.41
CA PRO B 188 -26.24 32.68 12.77
C PRO B 188 -25.04 32.61 13.73
N SER B 189 -24.06 31.77 13.36
CA SER B 189 -22.84 31.51 14.14
C SER B 189 -21.61 31.66 13.23
N THR B 190 -20.70 32.56 13.59
CA THR B 190 -19.46 32.82 12.81
C THR B 190 -18.54 31.60 12.85
N GLU B 191 -18.42 31.00 14.03
CA GLU B 191 -17.64 29.78 14.28
C GLU B 191 -18.17 28.61 13.43
N ALA B 192 -19.50 28.52 13.28
CA ALA B 192 -20.15 27.49 12.45
C ALA B 192 -19.84 27.71 10.97
N GLN B 193 -20.03 28.93 10.47
CA GLN B 193 -19.70 29.28 9.05
C GLN B 193 -18.20 29.15 8.74
N LYS B 194 -17.35 29.43 9.73
CA LYS B 194 -15.89 29.30 9.61
C LYS B 194 -15.51 27.84 9.35
N THR B 195 -16.17 26.91 10.05
CA THR B 195 -15.93 25.47 9.88
C THR B 195 -16.51 24.96 8.55
N LEU B 196 -17.70 25.43 8.17
CA LEU B 196 -18.35 25.02 6.90
C LEU B 196 -17.52 25.28 5.63
N ASP B 197 -16.84 26.44 5.58
CA ASP B 197 -15.98 26.81 4.43
C ASP B 197 -14.69 25.97 4.37
N LYS B 198 -14.12 25.62 5.54
CA LYS B 198 -12.93 24.75 5.62
C LYS B 198 -13.28 23.33 5.14
N ILE B 199 -14.50 22.86 5.46
CA ILE B 199 -14.98 21.55 4.96
C ILE B 199 -15.15 21.63 3.44
N LEU B 200 -15.64 22.78 2.93
CA LEU B 200 -15.80 23.01 1.48
C LEU B 200 -14.43 23.00 0.77
N ARG B 201 -13.40 23.51 1.45
CA ARG B 201 -12.01 23.52 0.95
C ARG B 201 -11.49 22.09 0.89
N ILE B 202 -11.65 21.36 2.00
CA ILE B 202 -11.25 19.93 2.11
C ILE B 202 -12.02 19.05 1.10
N GLU B 203 -13.29 19.37 0.84
CA GLU B 203 -14.13 18.66 -0.16
C GLU B 203 -13.51 18.78 -1.57
N LYS B 204 -13.07 19.98 -1.91
CA LYS B 204 -12.45 20.29 -3.21
C LYS B 204 -11.10 19.57 -3.41
N GLU B 205 -10.27 19.55 -2.37
CA GLU B 205 -8.95 18.89 -2.42
C GLU B 205 -9.02 17.36 -2.53
N VAL B 206 -9.91 16.75 -1.77
CA VAL B 206 -10.10 15.28 -1.79
C VAL B 206 -10.79 14.77 -3.07
N ASN B 207 -11.52 15.65 -3.78
CA ASN B 207 -12.29 15.34 -5.01
C ASN B 207 -13.51 14.46 -4.71
ZN ZN C . 27.70 -18.48 -31.53
ZN ZN D . 35.68 -8.94 -23.15
ZN ZN E . -25.73 23.34 27.42
ZN ZN F . -36.80 21.41 17.35
O1 PG4 G . -15.11 18.76 49.64
C1 PG4 G . -15.76 17.80 48.78
C2 PG4 G . -15.74 18.34 47.36
O2 PG4 G . -16.81 19.27 47.07
C3 PG4 G . -16.57 20.67 47.37
C4 PG4 G . -16.73 21.63 46.16
O3 PG4 G . -16.22 21.22 44.89
C5 PG4 G . -14.92 20.58 44.99
C6 PG4 G . -13.94 20.87 43.89
O4 PG4 G . -13.13 21.98 44.22
C1 EDO H . -40.74 19.40 17.36
O1 EDO H . -40.32 19.31 18.72
C2 EDO H . -39.95 20.50 16.64
O2 EDO H . -38.56 20.40 16.98
#